data_6MW8
#
_entry.id   6MW8
#
_cell.length_a   84.055
_cell.length_b   84.055
_cell.length_c   76.076
_cell.angle_alpha   90.00
_cell.angle_beta   90.00
_cell.angle_gamma   90.00
#
_symmetry.space_group_name_H-M   'P 42 21 2'
#
loop_
_entity.id
_entity.type
_entity.pdbx_description
1 polymer 'UDP-galactose:glucoside-Skp1 alpha-D-galactosyltransferase'
2 non-polymer 'MANGANESE (II) ION'
3 non-polymer "URIDINE-5'-DIPHOSPHATE"
4 non-polymer 'ACETATE ION'
5 non-polymer 1,2-ETHANEDIOL
6 water water
#
_entity_poly.entity_id   1
_entity_poly.type   'polypeptide(L)'
_entity_poly.pdbx_seq_one_letter_code
;MTVGTRRAAYATLITSDAYVMGVEALVYSLFKARVAFPLVVLHSSQVTQPTVAKLTRFCAPFQSSTWRISFRSVPDIGIP
DEVTDRSTVHVPGWVNSGYTKLHIFAMDDFEQIVYIDADAIVLQNVDELFDRSTSFAAAPDVFPPDRFNAGVLVIRPNKQ
LFADLLAKAKELKSYDGGDTGFLNAFFPKWFESDAASRLPFGYNAQRTMYWLVNGKNPGYWNAVQPLKILHYSSNPKPWE
DPSRKGDLEILWWQMYTESRCMSFLG
;
_entity_poly.pdbx_strand_id   A
#
# COMPACT_ATOMS: atom_id res chain seq x y z
N ALA A 8 -6.48 -13.15 8.51
CA ALA A 8 -5.76 -11.91 8.21
C ALA A 8 -5.12 -11.99 6.83
N ALA A 9 -5.01 -10.85 6.15
CA ALA A 9 -4.36 -10.85 4.85
C ALA A 9 -3.71 -9.50 4.58
N TYR A 10 -2.75 -9.53 3.68
CA TYR A 10 -2.29 -8.34 2.99
C TYR A 10 -3.23 -8.07 1.83
N ALA A 11 -3.37 -6.79 1.47
CA ALA A 11 -4.19 -6.42 0.31
C ALA A 11 -3.46 -5.34 -0.46
N THR A 12 -3.58 -5.38 -1.78
CA THR A 12 -3.18 -4.24 -2.59
C THR A 12 -4.27 -3.98 -3.61
N LEU A 13 -4.09 -2.93 -4.42
CA LEU A 13 -5.11 -2.43 -5.32
C LEU A 13 -4.49 -2.03 -6.65
N ILE A 14 -5.17 -2.37 -7.74
CA ILE A 14 -4.81 -1.87 -9.05
C ILE A 14 -6.09 -1.35 -9.71
N THR A 15 -6.06 -0.08 -10.12
CA THR A 15 -7.20 0.54 -10.80
C THR A 15 -6.86 0.97 -12.23
N SER A 16 -5.66 0.64 -12.72
CA SER A 16 -5.29 0.94 -14.09
C SER A 16 -4.28 -0.09 -14.57
N ASP A 17 -4.35 -0.45 -15.85
CA ASP A 17 -3.40 -1.40 -16.40
C ASP A 17 -1.96 -0.95 -16.19
N ALA A 18 -1.73 0.36 -16.26
CA ALA A 18 -0.36 0.89 -16.19
C ALA A 18 0.33 0.60 -14.87
N TYR A 19 -0.42 0.30 -13.80
CA TYR A 19 0.19 0.02 -12.50
C TYR A 19 0.53 -1.45 -12.31
N VAL A 20 0.46 -2.25 -13.36
CA VAL A 20 0.63 -3.70 -13.18
C VAL A 20 2.06 -4.01 -12.75
N MET A 21 3.05 -3.25 -13.25
CA MET A 21 4.43 -3.46 -12.84
C MET A 21 4.65 -3.12 -11.37
N GLY A 22 3.93 -2.12 -10.86
CA GLY A 22 3.99 -1.85 -9.42
C GLY A 22 3.49 -3.01 -8.59
N VAL A 23 2.32 -3.56 -8.95
CA VAL A 23 1.80 -4.72 -8.25
C VAL A 23 2.82 -5.87 -8.27
N GLU A 24 3.43 -6.11 -9.43
CA GLU A 24 4.35 -7.23 -9.57
C GLU A 24 5.57 -7.05 -8.66
N ALA A 25 6.14 -5.85 -8.61
CA ALA A 25 7.25 -5.60 -7.69
C ALA A 25 6.80 -5.78 -6.24
N LEU A 26 5.62 -5.28 -5.91
CA LEU A 26 5.14 -5.44 -4.53
C LEU A 26 4.91 -6.91 -4.19
N VAL A 27 4.23 -7.65 -5.06
CA VAL A 27 4.00 -9.09 -4.84
C VAL A 27 5.32 -9.81 -4.57
N TYR A 28 6.31 -9.54 -5.41
CA TYR A 28 7.57 -10.26 -5.25
C TYR A 28 8.30 -9.83 -3.98
N SER A 29 8.20 -8.55 -3.61
CA SER A 29 8.84 -8.13 -2.37
C SER A 29 8.21 -8.81 -1.15
N LEU A 30 6.90 -9.05 -1.20
CA LEU A 30 6.26 -9.79 -0.11
C LEU A 30 6.70 -11.25 -0.10
N PHE A 31 6.80 -11.87 -1.28
CA PHE A 31 7.35 -13.21 -1.40
C PHE A 31 8.76 -13.29 -0.82
N LYS A 32 9.61 -12.32 -1.18
CA LYS A 32 11.00 -12.36 -0.74
C LYS A 32 11.12 -12.19 0.77
N ALA A 33 10.21 -11.43 1.38
CA ALA A 33 10.16 -11.19 2.81
C ALA A 33 9.51 -12.35 3.57
N ARG A 34 9.05 -13.38 2.86
CA ARG A 34 8.52 -14.59 3.48
C ARG A 34 7.35 -14.29 4.42
N VAL A 35 6.42 -13.47 3.93
CA VAL A 35 5.30 -13.07 4.77
C VAL A 35 4.42 -14.28 5.02
N ALA A 36 3.86 -14.34 6.23
CA ALA A 36 3.17 -15.53 6.71
C ALA A 36 1.67 -15.44 6.56
N PHE A 37 1.17 -14.43 5.86
CA PHE A 37 -0.25 -14.22 5.64
C PHE A 37 -0.51 -14.06 4.15
N PRO A 38 -1.69 -14.45 3.68
CA PRO A 38 -1.97 -14.41 2.24
C PRO A 38 -2.11 -12.98 1.74
N LEU A 39 -2.12 -12.86 0.40
CA LEU A 39 -2.26 -11.59 -0.28
C LEU A 39 -3.48 -11.59 -1.19
N VAL A 40 -4.30 -10.54 -1.08
CA VAL A 40 -5.46 -10.33 -1.94
C VAL A 40 -5.18 -9.11 -2.83
N VAL A 41 -5.26 -9.30 -4.14
CA VAL A 41 -5.06 -8.22 -5.10
C VAL A 41 -6.44 -7.74 -5.56
N LEU A 42 -6.87 -6.56 -5.10
CA LEU A 42 -8.10 -5.97 -5.57
C LEU A 42 -7.87 -5.34 -6.94
N HIS A 43 -8.73 -5.64 -7.91
CA HIS A 43 -8.62 -4.97 -9.20
C HIS A 43 -9.97 -4.40 -9.58
N SER A 44 -9.99 -3.12 -9.95
CA SER A 44 -11.25 -2.45 -10.23
C SER A 44 -11.66 -2.67 -11.68
N SER A 45 -12.81 -2.10 -12.06
CA SER A 45 -13.42 -2.43 -13.35
C SER A 45 -12.59 -1.96 -14.53
N GLN A 46 -11.84 -0.88 -14.37
CA GLN A 46 -11.10 -0.30 -15.48
C GLN A 46 -9.85 -1.10 -15.84
N VAL A 47 -9.48 -2.09 -15.03
CA VAL A 47 -8.35 -2.96 -15.35
C VAL A 47 -8.83 -4.05 -16.30
N THR A 48 -8.24 -4.10 -17.49
CA THR A 48 -8.73 -5.02 -18.51
C THR A 48 -8.43 -6.47 -18.11
N GLN A 49 -9.28 -7.37 -18.58
CA GLN A 49 -9.10 -8.78 -18.29
C GLN A 49 -7.74 -9.32 -18.75
N PRO A 50 -7.20 -8.97 -19.93
CA PRO A 50 -5.87 -9.48 -20.27
C PRO A 50 -4.78 -9.08 -19.30
N THR A 51 -4.85 -7.88 -18.72
CA THR A 51 -3.87 -7.46 -17.73
C THR A 51 -4.02 -8.27 -16.44
N VAL A 52 -5.25 -8.56 -16.04
CA VAL A 52 -5.48 -9.44 -14.89
C VAL A 52 -4.87 -10.82 -15.16
N ALA A 53 -5.11 -11.37 -16.35
CA ALA A 53 -4.55 -12.67 -16.69
C ALA A 53 -3.02 -12.65 -16.66
N LYS A 54 -2.41 -11.59 -17.21
CA LYS A 54 -0.96 -11.45 -17.17
C LYS A 54 -0.47 -11.41 -15.73
N LEU A 55 -1.11 -10.60 -14.89
CA LEU A 55 -0.74 -10.53 -13.49
C LEU A 55 -0.88 -11.89 -12.81
N THR A 56 -1.97 -12.61 -13.10
CA THR A 56 -2.17 -13.92 -12.49
C THR A 56 -1.06 -14.88 -12.91
N ARG A 57 -0.67 -14.85 -14.19
CA ARG A 57 0.41 -15.72 -14.65
C ARG A 57 1.73 -15.36 -13.97
N PHE A 58 2.00 -14.06 -13.82
CA PHE A 58 3.22 -13.62 -13.15
C PHE A 58 3.27 -14.12 -11.72
N CYS A 59 2.13 -14.12 -11.03
CA CYS A 59 2.10 -14.52 -9.63
C CYS A 59 2.12 -16.03 -9.44
N ALA A 60 1.75 -16.79 -10.47
CA ALA A 60 1.61 -18.24 -10.32
C ALA A 60 2.84 -18.93 -9.74
N PRO A 61 4.07 -18.63 -10.15
CA PRO A 61 5.23 -19.35 -9.59
C PRO A 61 5.49 -19.03 -8.12
N PHE A 62 4.90 -17.98 -7.58
CA PHE A 62 5.04 -17.66 -6.16
C PHE A 62 3.95 -18.28 -5.30
N GLN A 63 2.91 -18.87 -5.90
CA GLN A 63 1.92 -19.64 -5.17
C GLN A 63 2.52 -20.92 -4.63
N SER A 64 2.17 -21.27 -3.39
CA SER A 64 2.60 -22.55 -2.81
C SER A 64 1.56 -22.99 -1.80
N SER A 65 1.78 -24.19 -1.24
CA SER A 65 0.92 -24.65 -0.17
C SER A 65 0.97 -23.75 1.06
N THR A 66 2.00 -22.90 1.18
CA THR A 66 2.14 -22.04 2.35
C THR A 66 1.91 -20.56 2.07
N TRP A 67 1.63 -20.17 0.82
CA TRP A 67 1.30 -18.77 0.53
C TRP A 67 0.34 -18.73 -0.65
N ARG A 68 -0.78 -18.02 -0.48
CA ARG A 68 -1.79 -17.88 -1.52
C ARG A 68 -1.88 -16.42 -1.94
N ILE A 69 -1.88 -16.18 -3.24
CA ILE A 69 -2.21 -14.88 -3.80
C ILE A 69 -3.55 -15.04 -4.52
N SER A 70 -4.54 -14.26 -4.09
CA SER A 70 -5.87 -14.32 -4.69
C SER A 70 -6.19 -12.98 -5.32
N PHE A 71 -7.20 -12.98 -6.18
CA PHE A 71 -7.60 -11.80 -6.92
C PHE A 71 -9.08 -11.55 -6.74
N ARG A 72 -9.45 -10.27 -6.60
CA ARG A 72 -10.84 -9.91 -6.34
C ARG A 72 -11.23 -8.70 -7.19
N SER A 73 -12.29 -8.86 -7.97
CA SER A 73 -12.87 -7.73 -8.67
C SER A 73 -13.60 -6.82 -7.68
N VAL A 74 -13.40 -5.52 -7.83
CA VAL A 74 -14.09 -4.54 -6.98
C VAL A 74 -14.62 -3.44 -7.87
N PRO A 75 -15.76 -2.83 -7.53
CA PRO A 75 -16.25 -1.71 -8.34
C PRO A 75 -15.44 -0.45 -8.07
N ASP A 76 -15.32 0.37 -9.12
CA ASP A 76 -14.67 1.67 -8.96
C ASP A 76 -15.50 2.54 -8.03
N ILE A 77 -14.83 3.32 -7.20
CA ILE A 77 -15.48 4.32 -6.35
C ILE A 77 -14.95 5.68 -6.77
N GLY A 78 -15.78 6.45 -7.47
CA GLY A 78 -15.36 7.76 -7.95
C GLY A 78 -15.44 8.84 -6.90
N ILE A 79 -14.84 9.97 -7.21
CA ILE A 79 -14.89 11.15 -6.35
C ILE A 79 -15.94 12.13 -6.88
N SER A 97 -12.14 6.80 -10.20
CA SER A 97 -11.80 5.66 -9.34
C SER A 97 -11.01 6.06 -8.09
N GLY A 98 -11.04 7.35 -7.74
CA GLY A 98 -10.14 7.92 -6.75
C GLY A 98 -10.35 7.42 -5.33
N TYR A 99 -11.51 6.84 -5.02
CA TYR A 99 -11.80 6.35 -3.68
C TYR A 99 -11.95 4.83 -3.62
N THR A 100 -11.52 4.12 -4.67
CA THR A 100 -11.71 2.68 -4.74
C THR A 100 -11.04 1.96 -3.56
N LYS A 101 -9.97 2.55 -3.03
CA LYS A 101 -9.25 1.97 -1.89
C LYS A 101 -10.17 1.74 -0.68
N LEU A 102 -11.24 2.51 -0.54
CA LEU A 102 -12.14 2.30 0.60
C LEU A 102 -12.70 0.87 0.66
N HIS A 103 -12.61 0.11 -0.43
N HIS A 103 -12.62 0.12 -0.43
CA HIS A 103 -13.11 -1.26 -0.45
CA HIS A 103 -13.13 -1.25 -0.42
C HIS A 103 -12.45 -2.15 0.58
C HIS A 103 -12.51 -2.08 0.70
N ILE A 104 -11.27 -1.77 1.10
CA ILE A 104 -10.62 -2.61 2.12
C ILE A 104 -11.48 -2.70 3.38
N PHE A 105 -12.23 -1.64 3.68
CA PHE A 105 -13.06 -1.63 4.88
C PHE A 105 -14.26 -2.59 4.79
N ALA A 106 -14.59 -3.06 3.59
CA ALA A 106 -15.70 -3.99 3.38
C ALA A 106 -15.26 -5.45 3.34
N MET A 107 -13.96 -5.74 3.43
CA MET A 107 -13.46 -7.11 3.30
C MET A 107 -13.60 -7.86 4.63
N ASP A 108 -14.83 -7.95 5.11
CA ASP A 108 -15.02 -8.50 6.45
C ASP A 108 -15.03 -10.02 6.48
N ASP A 109 -14.67 -10.69 5.38
CA ASP A 109 -14.28 -12.08 5.48
C ASP A 109 -12.91 -12.24 6.13
N PHE A 110 -12.20 -11.14 6.36
CA PHE A 110 -10.93 -11.10 7.09
C PHE A 110 -11.12 -10.27 8.36
N GLU A 111 -10.49 -10.72 9.46
CA GLU A 111 -10.52 -9.93 10.70
C GLU A 111 -9.60 -8.74 10.62
N GLN A 112 -8.50 -8.83 9.89
CA GLN A 112 -7.53 -7.75 9.81
C GLN A 112 -6.92 -7.74 8.41
N ILE A 113 -6.66 -6.55 7.89
CA ILE A 113 -6.05 -6.35 6.57
C ILE A 113 -4.88 -5.39 6.72
N VAL A 114 -3.74 -5.74 6.13
CA VAL A 114 -2.64 -4.81 5.93
C VAL A 114 -2.66 -4.42 4.47
N TYR A 115 -3.09 -3.18 4.20
CA TYR A 115 -3.21 -2.65 2.85
C TYR A 115 -1.93 -1.92 2.49
N ILE A 116 -1.39 -2.20 1.29
CA ILE A 116 -0.19 -1.52 0.79
C ILE A 116 -0.44 -1.07 -0.65
N ASP A 117 -0.22 0.22 -0.91
CA ASP A 117 -0.25 0.78 -2.26
C ASP A 117 0.61 -0.02 -3.23
N ALA A 118 0.16 -0.08 -4.49
CA ALA A 118 0.94 -0.76 -5.52
C ALA A 118 2.20 -0.02 -5.93
N ASP A 119 2.42 1.22 -5.47
CA ASP A 119 3.68 1.90 -5.71
C ASP A 119 4.62 1.82 -4.49
N ALA A 120 4.48 0.77 -3.70
CA ALA A 120 5.41 0.52 -2.61
C ALA A 120 6.06 -0.84 -2.78
N ILE A 121 7.19 -1.05 -2.09
CA ILE A 121 7.78 -2.38 -2.01
C ILE A 121 8.17 -2.65 -0.57
N VAL A 122 8.06 -3.90 -0.17
CA VAL A 122 8.41 -4.34 1.18
C VAL A 122 9.89 -4.76 1.19
N LEU A 123 10.69 -4.12 2.05
CA LEU A 123 12.10 -4.49 2.18
C LEU A 123 12.37 -5.47 3.31
N GLN A 124 11.50 -5.54 4.31
CA GLN A 124 11.68 -6.46 5.42
C GLN A 124 10.30 -7.01 5.78
N ASN A 125 10.30 -8.23 6.32
CA ASN A 125 9.06 -8.83 6.77
C ASN A 125 8.34 -7.89 7.74
N VAL A 126 7.05 -7.66 7.50
CA VAL A 126 6.27 -6.76 8.33
C VAL A 126 5.07 -7.46 8.94
N ASP A 127 5.18 -8.78 9.15
CA ASP A 127 4.05 -9.53 9.69
C ASP A 127 3.65 -9.05 11.08
N GLU A 128 4.55 -8.37 11.79
CA GLU A 128 4.25 -7.88 13.12
C GLU A 128 3.15 -6.82 13.10
N LEU A 129 2.87 -6.23 11.93
CA LEU A 129 1.79 -5.25 11.83
C LEU A 129 0.46 -5.84 12.26
N PHE A 130 0.26 -7.15 12.07
CA PHE A 130 -0.99 -7.78 12.51
C PHE A 130 -1.06 -7.96 14.02
N ASP A 131 0.01 -7.68 14.75
CA ASP A 131 -0.03 -7.75 16.21
C ASP A 131 -0.56 -6.48 16.85
N ARG A 132 -0.79 -5.42 16.07
CA ARG A 132 -1.31 -4.18 16.62
C ARG A 132 -2.80 -4.31 16.93
N SER A 133 -3.17 -4.02 18.17
N SER A 133 -3.17 -4.02 18.17
CA SER A 133 -4.57 -4.07 18.59
CA SER A 133 -4.57 -4.08 18.59
C SER A 133 -5.18 -2.71 18.30
C SER A 133 -5.21 -2.72 18.30
N THR A 134 -5.74 -2.56 17.10
CA THR A 134 -6.44 -1.35 16.71
C THR A 134 -7.31 -1.65 15.50
N SER A 135 -8.38 -0.87 15.35
CA SER A 135 -9.18 -0.95 14.13
C SER A 135 -8.59 -0.18 12.96
N PHE A 136 -7.64 0.72 13.22
CA PHE A 136 -7.13 1.58 12.16
C PHE A 136 -5.76 2.08 12.55
N ALA A 137 -4.75 1.79 11.72
CA ALA A 137 -3.40 2.33 11.91
C ALA A 137 -2.87 2.86 10.59
N ALA A 138 -2.11 3.94 10.68
CA ALA A 138 -1.44 4.54 9.51
C ALA A 138 -0.18 5.22 10.00
N ALA A 139 0.73 5.47 9.06
CA ALA A 139 1.97 6.19 9.37
C ALA A 139 1.80 7.67 9.06
N PRO A 140 2.56 8.53 9.73
CA PRO A 140 2.48 9.97 9.44
C PRO A 140 2.95 10.27 8.02
N ASP A 141 2.27 11.24 7.41
CA ASP A 141 2.74 11.89 6.20
C ASP A 141 3.91 12.81 6.56
N VAL A 142 4.60 13.30 5.54
N VAL A 142 4.60 13.26 5.52
CA VAL A 142 5.65 14.29 5.81
CA VAL A 142 5.64 14.27 5.72
C VAL A 142 5.07 15.69 5.89
C VAL A 142 5.02 15.64 5.92
N PHE A 143 4.08 16.02 5.06
CA PHE A 143 3.46 17.34 5.07
C PHE A 143 1.96 17.30 5.30
N PRO A 144 1.42 17.73 6.47
CA PRO A 144 2.18 18.02 7.69
C PRO A 144 2.38 16.70 8.45
N PRO A 145 3.30 16.68 9.42
CA PRO A 145 3.64 15.41 10.08
C PRO A 145 2.67 15.00 11.17
N ASP A 146 1.59 15.75 11.40
CA ASP A 146 0.52 15.27 12.28
C ASP A 146 -0.73 14.82 11.51
N ARG A 147 -0.63 14.62 10.20
CA ARG A 147 -1.61 13.90 9.40
C ARG A 147 -0.99 12.59 8.91
N PHE A 148 -1.83 11.65 8.48
CA PHE A 148 -1.31 10.35 8.04
C PHE A 148 -1.37 10.20 6.52
N ASN A 149 -0.49 9.34 6.01
CA ASN A 149 -0.47 8.97 4.60
C ASN A 149 -1.29 7.69 4.43
N ALA A 150 -2.06 7.61 3.34
CA ALA A 150 -2.97 6.48 3.17
C ALA A 150 -2.36 5.34 2.36
N GLY A 151 -1.04 5.34 2.13
CA GLY A 151 -0.44 4.30 1.32
C GLY A 151 -0.22 2.97 2.02
N VAL A 152 -0.23 2.96 3.35
CA VAL A 152 -0.09 1.75 4.17
C VAL A 152 -1.12 1.87 5.29
N LEU A 153 -2.10 0.95 5.33
CA LEU A 153 -3.17 1.02 6.31
C LEU A 153 -3.35 -0.36 6.94
N VAL A 154 -3.44 -0.40 8.28
CA VAL A 154 -3.73 -1.65 8.98
C VAL A 154 -5.12 -1.50 9.57
N ILE A 155 -6.08 -2.26 9.06
CA ILE A 155 -7.47 -1.99 9.43
C ILE A 155 -8.16 -3.29 9.81
N ARG A 156 -9.22 -3.14 10.59
CA ARG A 156 -10.13 -4.24 10.82
C ARG A 156 -11.41 -3.96 10.06
N PRO A 157 -11.73 -4.74 9.02
CA PRO A 157 -12.90 -4.45 8.20
C PRO A 157 -14.19 -4.43 9.00
N ASN A 158 -15.11 -3.61 8.53
CA ASN A 158 -16.38 -3.39 9.21
C ASN A 158 -17.33 -2.79 8.18
N LYS A 159 -18.36 -3.55 7.80
CA LYS A 159 -19.18 -3.09 6.68
C LYS A 159 -19.99 -1.85 7.02
N GLN A 160 -20.27 -1.62 8.30
CA GLN A 160 -21.00 -0.41 8.69
C GLN A 160 -20.11 0.82 8.58
N LEU A 161 -18.84 0.68 8.95
CA LEU A 161 -17.88 1.76 8.74
C LEU A 161 -17.70 2.03 7.25
N PHE A 162 -17.64 0.97 6.44
CA PHE A 162 -17.57 1.14 4.99
C PHE A 162 -18.75 1.96 4.49
N ALA A 163 -19.96 1.63 4.92
CA ALA A 163 -21.13 2.37 4.47
C ALA A 163 -21.02 3.84 4.82
N ASP A 164 -20.52 4.14 6.01
CA ASP A 164 -20.43 5.55 6.42
C ASP A 164 -19.31 6.27 5.68
N LEU A 165 -18.23 5.57 5.33
CA LEU A 165 -17.20 6.17 4.48
C LEU A 165 -17.78 6.54 3.13
N LEU A 166 -18.50 5.61 2.49
CA LEU A 166 -19.16 5.88 1.23
C LEU A 166 -20.09 7.08 1.34
N ALA A 167 -20.91 7.12 2.40
CA ALA A 167 -21.84 8.21 2.57
C ALA A 167 -21.11 9.53 2.75
N LYS A 168 -20.07 9.55 3.59
CA LYS A 168 -19.35 10.78 3.86
C LYS A 168 -18.47 11.19 2.70
N ALA A 169 -18.15 10.26 1.80
CA ALA A 169 -17.35 10.59 0.61
C ALA A 169 -17.98 11.72 -0.21
N LYS A 170 -19.30 11.92 -0.08
CA LYS A 170 -20.01 12.96 -0.80
C LYS A 170 -20.19 14.23 0.03
N GLU A 171 -19.39 14.40 1.08
CA GLU A 171 -19.58 15.52 2.00
C GLU A 171 -18.26 16.12 2.47
N LEU A 172 -17.25 15.29 2.71
CA LEU A 172 -15.99 15.74 3.31
C LEU A 172 -14.99 16.10 2.22
N LYS A 173 -14.51 17.34 2.22
CA LYS A 173 -13.49 17.77 1.28
C LYS A 173 -12.12 17.25 1.73
N SER A 174 -11.24 17.02 0.75
CA SER A 174 -9.92 16.48 0.99
C SER A 174 -8.86 17.54 0.66
N TYR A 175 -7.92 17.76 1.58
CA TYR A 175 -6.96 18.84 1.38
C TYR A 175 -5.91 18.53 0.31
N ASP A 176 -5.81 17.27 -0.12
CA ASP A 176 -4.94 16.92 -1.25
C ASP A 176 -5.74 16.42 -2.45
N GLY A 177 -7.07 16.49 -2.39
CA GLY A 177 -7.89 16.06 -3.52
C GLY A 177 -7.89 14.58 -3.77
N GLY A 178 -7.43 13.78 -2.80
CA GLY A 178 -7.37 12.34 -2.96
C GLY A 178 -7.84 11.59 -1.74
N ASP A 179 -7.51 10.30 -1.67
CA ASP A 179 -7.96 9.47 -0.56
C ASP A 179 -7.27 9.84 0.74
N THR A 180 -6.01 10.30 0.68
CA THR A 180 -5.34 10.71 1.90
C THR A 180 -6.04 11.89 2.55
N GLY A 181 -6.36 12.91 1.76
CA GLY A 181 -7.10 14.04 2.30
C GLY A 181 -8.44 13.62 2.87
N PHE A 182 -9.16 12.76 2.16
CA PHE A 182 -10.48 12.34 2.61
C PHE A 182 -10.41 11.55 3.90
N LEU A 183 -9.50 10.58 3.97
CA LEU A 183 -9.40 9.75 5.17
C LEU A 183 -8.93 10.56 6.37
N ASN A 184 -8.09 11.58 6.16
CA ASN A 184 -7.72 12.43 7.27
C ASN A 184 -8.91 13.27 7.73
N ALA A 185 -9.79 13.68 6.81
CA ALA A 185 -10.97 14.42 7.23
C ALA A 185 -11.94 13.52 8.00
N PHE A 186 -11.96 12.23 7.65
CA PHE A 186 -12.85 11.28 8.30
C PHE A 186 -12.32 10.86 9.66
N PHE A 187 -11.00 10.77 9.81
CA PHE A 187 -10.32 10.45 11.07
C PHE A 187 -9.43 11.63 11.49
N PRO A 188 -10.02 12.78 11.82
CA PRO A 188 -9.22 13.98 12.12
C PRO A 188 -8.45 13.91 13.42
N LYS A 189 -8.76 12.96 14.31
CA LYS A 189 -8.03 12.82 15.55
C LYS A 189 -7.02 11.69 15.52
N TRP A 190 -6.61 11.26 14.32
CA TRP A 190 -5.60 10.21 14.22
C TRP A 190 -4.34 10.56 15.03
N PHE A 191 -3.91 11.82 14.97
CA PHE A 191 -2.66 12.16 15.64
C PHE A 191 -2.74 11.93 17.14
N GLU A 192 -3.93 12.09 17.72
CA GLU A 192 -4.12 11.92 19.16
C GLU A 192 -4.33 10.48 19.56
N SER A 193 -4.34 9.54 18.61
CA SER A 193 -4.71 8.16 18.90
C SER A 193 -3.52 7.39 19.49
N ASP A 194 -3.78 6.17 19.94
CA ASP A 194 -2.77 5.44 20.68
C ASP A 194 -1.62 5.01 19.75
N ALA A 195 -0.53 4.55 20.37
CA ALA A 195 0.65 4.16 19.60
C ALA A 195 0.34 3.04 18.62
N ALA A 196 -0.57 2.13 18.98
CA ALA A 196 -0.91 1.03 18.07
C ALA A 196 -1.46 1.56 16.76
N SER A 197 -2.12 2.71 16.78
CA SER A 197 -2.76 3.26 15.58
C SER A 197 -1.85 4.18 14.78
N ARG A 198 -0.64 4.45 15.24
CA ARG A 198 0.27 5.37 14.56
C ARG A 198 1.54 4.60 14.22
N LEU A 199 1.67 4.21 12.95
CA LEU A 199 2.81 3.42 12.51
C LEU A 199 4.07 4.28 12.42
N PRO A 200 5.22 3.77 12.87
CA PRO A 200 6.48 4.46 12.58
C PRO A 200 6.66 4.70 11.08
N PHE A 201 7.40 5.76 10.76
CA PHE A 201 7.59 6.15 9.37
C PHE A 201 8.28 5.06 8.55
N GLY A 202 9.06 4.18 9.19
CA GLY A 202 9.67 3.07 8.49
C GLY A 202 8.69 2.11 7.86
N TYR A 203 7.42 2.16 8.25
CA TYR A 203 6.38 1.35 7.62
C TYR A 203 5.75 2.05 6.43
N ASN A 204 6.19 3.26 6.10
CA ASN A 204 5.67 3.99 4.95
C ASN A 204 6.66 5.10 4.66
N ALA A 205 7.86 4.70 4.26
CA ALA A 205 8.98 5.64 4.09
C ALA A 205 8.85 6.22 2.70
N GLN A 206 8.30 7.42 2.62
CA GLN A 206 7.97 8.03 1.33
C GLN A 206 9.21 8.61 0.66
N ARG A 207 9.39 8.27 -0.61
CA ARG A 207 10.58 8.73 -1.32
C ARG A 207 10.59 10.24 -1.48
N THR A 208 9.44 10.90 -1.32
CA THR A 208 9.42 12.36 -1.38
C THR A 208 10.36 12.97 -0.34
N MET A 209 10.48 12.36 0.84
CA MET A 209 11.43 12.88 1.82
C MET A 209 12.86 12.68 1.35
N TYR A 210 13.14 11.51 0.78
CA TYR A 210 14.49 11.23 0.28
C TYR A 210 14.89 12.23 -0.79
N TRP A 211 14.00 12.45 -1.76
CA TRP A 211 14.26 13.41 -2.81
C TRP A 211 14.65 14.76 -2.25
N LEU A 212 13.97 15.19 -1.17
CA LEU A 212 14.19 16.53 -0.64
C LEU A 212 15.45 16.60 0.23
N VAL A 213 15.76 15.54 0.97
CA VAL A 213 16.82 15.63 1.96
C VAL A 213 18.14 14.98 1.53
N ASN A 214 18.12 14.11 0.52
CA ASN A 214 19.31 13.32 0.20
C ASN A 214 20.52 14.20 -0.12
N GLY A 215 20.33 15.24 -0.93
CA GLY A 215 21.47 16.01 -1.39
C GLY A 215 22.18 16.75 -0.28
N LYS A 216 21.43 17.32 0.65
CA LYS A 216 21.95 18.21 1.68
C LYS A 216 22.03 17.55 3.05
N ASN A 217 21.01 16.82 3.47
CA ASN A 217 20.92 16.23 4.80
C ASN A 217 20.55 14.76 4.68
N PRO A 218 21.41 13.92 4.11
CA PRO A 218 21.05 12.50 4.00
C PRO A 218 20.89 11.83 5.36
N GLY A 219 21.47 12.38 6.43
CA GLY A 219 21.32 11.79 7.75
C GLY A 219 19.88 11.77 8.25
N TYR A 220 19.02 12.67 7.74
CA TYR A 220 17.61 12.62 8.11
C TYR A 220 16.98 11.33 7.64
N TRP A 221 17.30 10.91 6.42
CA TRP A 221 16.75 9.66 5.90
C TRP A 221 17.35 8.46 6.61
N ASN A 222 18.65 8.50 6.91
CA ASN A 222 19.29 7.38 7.61
C ASN A 222 18.75 7.19 9.02
N ALA A 223 18.12 8.22 9.58
CA ALA A 223 17.49 8.10 10.90
C ALA A 223 16.30 7.16 10.89
N VAL A 224 15.72 6.88 9.73
CA VAL A 224 14.53 6.05 9.62
C VAL A 224 14.98 4.59 9.71
N GLN A 225 14.87 4.02 10.92
CA GLN A 225 15.36 2.68 11.20
C GLN A 225 14.38 2.02 12.17
N PRO A 226 13.91 0.80 11.86
CA PRO A 226 14.16 0.06 10.61
C PRO A 226 13.37 0.63 9.45
N LEU A 227 13.87 0.47 8.22
CA LEU A 227 13.16 0.93 7.03
C LEU A 227 12.59 -0.32 6.40
N LYS A 228 11.28 -0.51 6.56
CA LYS A 228 10.66 -1.78 6.20
C LYS A 228 9.79 -1.71 4.96
N ILE A 229 9.18 -0.56 4.68
CA ILE A 229 8.37 -0.40 3.47
C ILE A 229 8.74 0.92 2.82
N LEU A 230 9.17 0.84 1.55
N LEU A 230 9.10 0.86 1.53
CA LEU A 230 9.50 2.01 0.74
CA LEU A 230 9.51 2.04 0.77
C LEU A 230 8.30 2.37 -0.12
C LEU A 230 8.40 2.41 -0.20
N HIS A 231 7.87 3.62 -0.06
CA HIS A 231 6.68 4.07 -0.78
C HIS A 231 7.10 5.06 -1.86
N TYR A 232 6.88 4.70 -3.13
CA TYR A 232 7.30 5.55 -4.25
C TYR A 232 6.21 6.56 -4.60
N SER A 233 5.85 7.35 -3.60
CA SER A 233 4.82 8.34 -3.78
C SER A 233 5.29 9.42 -4.76
N SER A 234 4.32 10.21 -5.21
CA SER A 234 4.53 11.25 -6.21
C SER A 234 4.93 10.66 -7.56
N ASN A 235 5.25 11.51 -8.51
CA ASN A 235 5.33 11.10 -9.90
C ASN A 235 6.64 11.58 -10.53
N PRO A 236 7.07 10.95 -11.63
CA PRO A 236 6.47 9.77 -12.26
C PRO A 236 6.74 8.53 -11.43
N LYS A 237 5.88 7.51 -11.54
CA LYS A 237 6.19 6.24 -10.89
C LYS A 237 7.40 5.59 -11.57
N PRO A 238 8.17 4.79 -10.84
CA PRO A 238 9.46 4.32 -11.39
C PRO A 238 9.30 3.57 -12.70
N TRP A 239 8.24 2.76 -12.83
CA TRP A 239 7.98 2.09 -14.09
C TRP A 239 7.51 3.05 -15.19
N GLU A 240 7.18 4.30 -14.86
CA GLU A 240 6.80 5.29 -15.86
C GLU A 240 7.99 6.05 -16.43
N ASP A 241 9.15 5.97 -15.79
CA ASP A 241 10.33 6.67 -16.29
C ASP A 241 11.62 6.08 -15.72
N LYS A 245 16.90 8.20 -12.59
CA LYS A 245 17.78 7.18 -12.03
C LYS A 245 18.29 7.54 -10.63
N GLY A 246 17.41 8.05 -9.78
CA GLY A 246 17.75 8.26 -8.38
C GLY A 246 18.01 6.94 -7.68
N ASP A 247 18.66 7.02 -6.50
CA ASP A 247 19.05 5.80 -5.79
C ASP A 247 17.85 4.94 -5.47
N LEU A 248 16.76 5.55 -5.01
CA LEU A 248 15.59 4.75 -4.65
C LEU A 248 14.97 4.12 -5.89
N GLU A 249 14.99 4.82 -7.02
CA GLU A 249 14.42 4.26 -8.23
C GLU A 249 15.26 3.08 -8.74
N ILE A 250 16.58 3.16 -8.60
CA ILE A 250 17.43 2.01 -8.89
C ILE A 250 17.03 0.82 -8.04
N LEU A 251 16.74 1.05 -6.76
CA LEU A 251 16.31 -0.02 -5.89
C LEU A 251 14.99 -0.64 -6.36
N TRP A 252 14.05 0.19 -6.82
CA TRP A 252 12.79 -0.36 -7.32
C TRP A 252 13.04 -1.24 -8.54
N TRP A 253 13.85 -0.76 -9.47
CA TRP A 253 14.12 -1.56 -10.66
C TRP A 253 14.87 -2.84 -10.32
N GLN A 254 15.76 -2.80 -9.32
CA GLN A 254 16.40 -4.04 -8.86
C GLN A 254 15.34 -5.05 -8.44
N MET A 255 14.34 -4.61 -7.65
CA MET A 255 13.30 -5.52 -7.18
C MET A 255 12.45 -6.02 -8.35
N TYR A 256 12.05 -5.12 -9.24
CA TYR A 256 11.19 -5.49 -10.34
C TYR A 256 11.87 -6.46 -11.29
N THR A 257 13.11 -6.14 -11.69
CA THR A 257 13.76 -7.00 -12.68
C THR A 257 14.09 -8.37 -12.10
N GLU A 258 14.43 -8.44 -10.80
CA GLU A 258 14.61 -9.76 -10.19
C GLU A 258 13.29 -10.51 -10.16
N SER A 259 12.19 -9.81 -9.91
CA SER A 259 10.88 -10.44 -9.89
C SER A 259 10.55 -11.06 -11.25
N ARG A 260 10.86 -10.34 -12.33
CA ARG A 260 10.57 -10.87 -13.65
C ARG A 260 11.45 -12.07 -13.95
N CYS A 261 12.71 -12.00 -13.54
CA CYS A 261 13.64 -13.10 -13.71
C CYS A 261 13.16 -14.35 -12.98
N MET A 262 12.77 -14.21 -11.70
CA MET A 262 12.35 -15.37 -10.93
C MET A 262 11.01 -15.89 -11.38
N SER A 263 10.09 -15.00 -11.74
CA SER A 263 8.78 -15.47 -12.22
C SER A 263 8.93 -16.27 -13.51
N PHE A 264 9.79 -15.82 -14.42
CA PHE A 264 9.91 -16.47 -15.72
C PHE A 264 10.91 -17.61 -15.74
N LEU A 265 11.95 -17.54 -14.90
CA LEU A 265 13.01 -18.53 -14.95
C LEU A 265 13.15 -19.39 -13.70
N GLY A 266 12.65 -18.94 -12.55
CA GLY A 266 12.95 -19.56 -11.27
C GLY A 266 12.21 -20.86 -10.97
#